data_6Z50
#
_entry.id   6Z50
#
_cell.length_a   69.173
_cell.length_b   69.173
_cell.length_c   330.581
_cell.angle_alpha   90.000
_cell.angle_beta   90.000
_cell.angle_gamma   120.000
#
_symmetry.space_group_name_H-M   'P 65 2 2'
#
loop_
_entity.id
_entity.type
_entity.pdbx_description
1 polymer 'Dual specificity protein kinase CLK1'
2 non-polymer 11,15-dimethyl-6-(oxan-4-yloxy)-8-oxa-2,11,15,19,21,23-hexazatetracyclo[15.6.1.13,7.020,24]pentacosa-1(23),3(25),4,6,17,20(24),21-heptaen-10-one
3 non-polymer 1,2-ETHANEDIOL
4 non-polymer GLYCEROL
5 non-polymer 'SODIUM ION'
6 water water
#
_entity_poly.entity_id   1
_entity_poly.type   'polypeptide(L)'
_entity_poly.pdbx_seq_one_letter_code
;SMHLICQSGDVLSARYEIVDTLGEGAFGKVVECIDHKAGGRHVAVKIVKNVDRYCEAARSEIQVLEHLNTTDPNSTFRCV
QMLEWFEHHGHICIVFELLGLSTYDFIKENGFLPFRLDHIRKMAYQICKSVNFLHSNKLTHTDLKPENILFVQSDYTEAY
NPKIKRDERTLINPDIKVVDFGSATYDDEHHSTLVSTRHYRAPEVILALGWSQPCDVWSIGCILIEYYLGFTVFPTHDSK
EHLAMMERILGPLPKHMIQKTRKRKYFHHDRLDWDEHSSAGRYVSRACKPLKEFMLSQDVEHERLFDLIQKMLEYDPAKR
ITLREALKHPFFDLLKKSI
;
_entity_poly.pdbx_strand_id   A
#
loop_
_chem_comp.id
_chem_comp.type
_chem_comp.name
_chem_comp.formula
EDO non-polymer 1,2-ETHANEDIOL 'C2 H6 O2'
GOL non-polymer GLYCEROL 'C3 H8 O3'
NA non-polymer 'SODIUM ION' 'Na 1'
Q7K non-polymer 11,15-dimethyl-6-(oxan-4-yloxy)-8-oxa-2,11,15,19,21,23-hexazatetracyclo[15.6.1.13,7.020,24]pentacosa-1(23),3(25),4,6,17,20(24),21-heptaen-10-one 'C25 H32 N6 O4'
#
# COMPACT_ATOMS: atom_id res chain seq x y z
N LEU A 4 12.49 18.31 -19.92
CA LEU A 4 11.09 18.75 -20.21
C LEU A 4 10.57 19.63 -19.10
N ILE A 5 9.83 20.67 -19.46
CA ILE A 5 9.25 21.57 -18.47
C ILE A 5 7.79 21.21 -18.12
N CYS A 6 7.05 20.60 -19.04
CA CYS A 6 5.62 20.28 -18.84
C CYS A 6 4.80 21.39 -18.26
N GLN A 7 4.91 22.58 -18.80
CA GLN A 7 4.01 23.58 -18.34
C GLN A 7 2.63 23.12 -18.77
N SER A 8 1.66 23.56 -17.99
CA SER A 8 0.26 23.48 -18.35
CA SER A 8 0.30 23.40 -18.40
C SER A 8 0.14 24.08 -19.77
N GLY A 9 -0.55 23.39 -20.64
CA GLY A 9 -0.72 23.82 -22.00
C GLY A 9 0.19 23.13 -23.00
N ASP A 10 1.30 22.53 -22.54
CA ASP A 10 2.16 21.83 -23.43
C ASP A 10 1.47 20.53 -23.91
N VAL A 11 1.89 20.03 -25.06
CA VAL A 11 1.25 18.87 -25.68
C VAL A 11 2.29 17.79 -25.92
N LEU A 12 1.93 16.52 -25.68
CA LEU A 12 2.76 15.37 -25.94
C LEU A 12 2.11 14.55 -27.04
N SER A 13 2.85 14.28 -28.11
CA SER A 13 2.38 13.32 -29.13
CA SER A 13 2.40 13.37 -29.20
C SER A 13 1.03 13.73 -29.76
N ALA A 14 0.86 15.04 -29.93
CA ALA A 14 -0.33 15.69 -30.48
C ALA A 14 -1.57 15.52 -29.61
N ARG A 15 -1.83 14.35 -29.07
CA ARG A 15 -3.12 14.07 -28.43
C ARG A 15 -3.23 14.50 -27.00
N TYR A 16 -2.11 14.57 -26.27
CA TYR A 16 -2.19 14.80 -24.82
C TYR A 16 -1.84 16.24 -24.45
N GLU A 17 -2.81 16.97 -23.94
CA GLU A 17 -2.61 18.36 -23.54
C GLU A 17 -2.43 18.35 -22.02
N ILE A 18 -1.29 18.82 -21.54
CA ILE A 18 -1.08 18.92 -20.10
C ILE A 18 -1.96 20.00 -19.49
N VAL A 19 -2.69 19.62 -18.45
CA VAL A 19 -3.49 20.58 -17.71
C VAL A 19 -3.02 20.83 -16.30
N ASP A 20 -2.21 19.95 -15.73
CA ASP A 20 -1.74 20.13 -14.36
C ASP A 20 -0.60 19.17 -14.09
N THR A 21 0.27 19.52 -13.14
CA THR A 21 1.26 18.54 -12.64
C THR A 21 0.71 18.04 -11.32
N LEU A 22 0.51 16.74 -11.20
CA LEU A 22 -0.04 16.14 -10.00
C LEU A 22 1.04 15.89 -8.96
N GLY A 23 2.26 15.61 -9.38
CA GLY A 23 3.35 15.36 -8.44
C GLY A 23 4.67 15.23 -9.13
N GLU A 24 5.75 15.39 -8.38
CA GLU A 24 7.06 15.39 -8.95
C GLU A 24 7.95 14.61 -7.99
N GLY A 25 8.81 13.76 -8.56
CA GLY A 25 9.83 13.04 -7.78
C GLY A 25 11.16 13.04 -8.49
N ALA A 26 12.17 12.38 -7.89
CA ALA A 26 13.43 12.26 -8.57
C ALA A 26 13.32 11.51 -9.93
N PHE A 27 12.35 10.59 -10.02
CA PHE A 27 12.09 9.80 -11.25
C PHE A 27 11.59 10.64 -12.43
N GLY A 28 10.97 11.79 -12.12
CA GLY A 28 10.24 12.55 -13.13
C GLY A 28 9.01 13.14 -12.52
N LYS A 29 7.90 13.05 -13.24
CA LYS A 29 6.64 13.65 -12.77
C LYS A 29 5.41 12.90 -13.21
N VAL A 30 4.30 13.19 -12.56
CA VAL A 30 3.00 12.70 -12.94
C VAL A 30 2.18 13.92 -13.33
N VAL A 31 1.68 13.94 -14.57
CA VAL A 31 0.88 15.05 -15.06
C VAL A 31 -0.50 14.62 -15.41
N GLU A 32 -1.46 15.52 -15.26
CA GLU A 32 -2.78 15.30 -15.78
C GLU A 32 -2.87 15.89 -17.16
N CYS A 33 -3.41 15.11 -18.08
CA CYS A 33 -3.62 15.57 -19.47
C CYS A 33 -5.05 15.34 -19.91
N ILE A 34 -5.48 16.17 -20.87
CA ILE A 34 -6.68 15.87 -21.67
C ILE A 34 -6.21 15.04 -22.83
N ASP A 35 -6.85 13.86 -23.03
CA ASP A 35 -6.56 13.04 -24.20
C ASP A 35 -7.58 13.38 -25.28
N HIS A 36 -7.14 14.24 -26.21
CA HIS A 36 -8.04 14.70 -27.23
C HIS A 36 -8.43 13.60 -28.22
N LYS A 37 -7.54 12.63 -28.45
CA LYS A 37 -7.84 11.53 -29.36
C LYS A 37 -9.00 10.71 -28.90
N ALA A 38 -9.13 10.56 -27.60
CA ALA A 38 -10.16 9.77 -26.99
C ALA A 38 -11.32 10.64 -26.59
N GLY A 39 -11.50 11.77 -27.20
CA GLY A 39 -12.73 12.50 -26.95
C GLY A 39 -12.73 13.44 -25.77
N GLY A 40 -11.57 13.69 -25.20
CA GLY A 40 -11.44 14.67 -24.13
C GLY A 40 -11.32 14.07 -22.75
N ARG A 41 -11.28 12.73 -22.66
CA ARG A 41 -11.06 12.02 -21.38
C ARG A 41 -9.80 12.58 -20.75
N HIS A 42 -9.83 12.88 -19.45
CA HIS A 42 -8.59 13.20 -18.76
C HIS A 42 -7.86 11.91 -18.35
N VAL A 43 -6.53 11.96 -18.41
CA VAL A 43 -5.68 10.82 -18.08
C VAL A 43 -4.51 11.30 -17.21
N ALA A 44 -3.82 10.37 -16.57
CA ALA A 44 -2.56 10.68 -15.87
C ALA A 44 -1.42 10.11 -16.67
N VAL A 45 -0.36 10.89 -16.83
CA VAL A 45 0.81 10.41 -17.52
C VAL A 45 2.00 10.47 -16.59
N LYS A 46 2.58 9.31 -16.33
CA LYS A 46 3.82 9.22 -15.59
C LYS A 46 4.96 9.41 -16.56
N ILE A 47 5.73 10.46 -16.35
CA ILE A 47 6.83 10.80 -17.21
C ILE A 47 8.13 10.45 -16.48
N VAL A 48 8.76 9.38 -16.92
CA VAL A 48 9.87 8.79 -16.18
C VAL A 48 11.15 9.04 -16.96
N LYS A 49 12.17 9.58 -16.30
CA LYS A 49 13.47 9.69 -16.91
C LYS A 49 14.01 8.32 -17.36
N ASN A 50 14.37 8.23 -18.65
CA ASN A 50 14.83 6.99 -19.23
C ASN A 50 16.35 6.89 -19.02
N VAL A 51 16.70 6.63 -17.78
CA VAL A 51 18.07 6.53 -17.33
C VAL A 51 18.19 5.30 -16.45
N ASP A 52 19.43 4.80 -16.25
CA ASP A 52 19.63 3.59 -15.45
C ASP A 52 18.92 3.54 -14.11
N ARG A 53 18.83 4.65 -13.41
CA ARG A 53 18.25 4.62 -12.08
C ARG A 53 16.75 4.28 -12.07
N TYR A 54 16.04 4.67 -13.14
CA TYR A 54 14.58 4.58 -13.17
C TYR A 54 13.98 3.69 -14.25
N CYS A 55 14.76 3.31 -15.26
CA CYS A 55 14.13 2.70 -16.46
C CYS A 55 13.56 1.30 -16.22
N GLU A 56 14.20 0.50 -15.36
CA GLU A 56 13.82 -0.89 -15.20
C GLU A 56 12.41 -0.98 -14.62
N ALA A 57 12.11 -0.15 -13.64
CA ALA A 57 10.78 -0.22 -13.01
C ALA A 57 9.70 0.19 -14.02
N ALA A 58 10.01 1.17 -14.84
CA ALA A 58 9.05 1.60 -15.85
C ALA A 58 8.80 0.50 -16.85
N ARG A 59 9.86 -0.12 -17.34
CA ARG A 59 9.69 -1.22 -18.35
C ARG A 59 8.99 -2.41 -17.74
N SER A 60 9.30 -2.68 -16.46
CA SER A 60 8.69 -3.83 -15.77
C SER A 60 7.22 -3.63 -15.53
N GLU A 61 6.85 -2.44 -15.08
CA GLU A 61 5.43 -2.13 -14.89
C GLU A 61 4.64 -2.26 -16.19
N ILE A 62 5.20 -1.73 -17.25
CA ILE A 62 4.54 -1.83 -18.52
C ILE A 62 4.27 -3.30 -18.89
N GLN A 63 5.26 -4.18 -18.77
CA GLN A 63 5.04 -5.61 -19.03
C GLN A 63 3.95 -6.22 -18.15
N VAL A 64 3.99 -5.91 -16.84
CA VAL A 64 2.98 -6.48 -15.95
C VAL A 64 1.61 -6.02 -16.33
N LEU A 65 1.43 -4.71 -16.55
CA LEU A 65 0.11 -4.19 -16.85
C LEU A 65 -0.42 -4.58 -18.23
N GLU A 66 0.46 -4.79 -19.18
CA GLU A 66 0.03 -5.37 -20.48
C GLU A 66 -0.57 -6.76 -20.30
N HIS A 67 0.09 -7.56 -19.45
CA HIS A 67 -0.42 -8.87 -19.09
C HIS A 67 -1.74 -8.77 -18.36
N LEU A 68 -1.84 -7.94 -17.33
CA LEU A 68 -3.09 -7.86 -16.58
C LEU A 68 -4.21 -7.30 -17.45
N ASN A 69 -3.88 -6.35 -18.34
CA ASN A 69 -4.86 -5.82 -19.28
C ASN A 69 -5.38 -6.85 -20.28
N THR A 70 -4.51 -7.72 -20.75
CA THR A 70 -4.95 -8.84 -21.60
C THR A 70 -5.91 -9.77 -20.87
N THR A 71 -5.61 -10.02 -19.60
CA THR A 71 -6.38 -10.96 -18.80
C THR A 71 -7.70 -10.35 -18.42
N ASP A 72 -7.70 -9.04 -18.21
CA ASP A 72 -8.89 -8.35 -17.67
C ASP A 72 -9.06 -7.00 -18.36
N PRO A 73 -9.52 -7.01 -19.62
CA PRO A 73 -9.45 -5.78 -20.44
C PRO A 73 -10.30 -4.62 -19.93
N ASN A 74 -11.31 -4.94 -19.12
CA ASN A 74 -12.20 -3.90 -18.61
C ASN A 74 -11.84 -3.43 -17.21
N SER A 75 -10.77 -4.02 -16.64
CA SER A 75 -10.18 -3.59 -15.36
C SER A 75 -11.23 -3.70 -14.27
N THR A 76 -11.58 -4.94 -13.89
CA THR A 76 -12.71 -5.28 -13.06
C THR A 76 -12.25 -5.77 -11.69
N PHE A 77 -10.94 -5.69 -11.41
CA PHE A 77 -10.40 -6.20 -10.15
C PHE A 77 -9.69 -5.09 -9.36
N ARG A 78 -10.04 -3.84 -9.63
CA ARG A 78 -9.60 -2.71 -8.77
C ARG A 78 -8.08 -2.42 -8.95
N CYS A 79 -7.47 -2.90 -10.04
CA CYS A 79 -6.07 -2.57 -10.39
C CYS A 79 -6.09 -1.38 -11.36
N VAL A 80 -5.08 -0.55 -11.25
CA VAL A 80 -4.99 0.60 -12.17
C VAL A 80 -5.00 0.13 -13.61
N GLN A 81 -5.64 0.91 -14.46
CA GLN A 81 -5.64 0.61 -15.88
C GLN A 81 -4.63 1.51 -16.63
N MET A 82 -3.60 0.89 -17.14
CA MET A 82 -2.67 1.55 -18.07
C MET A 82 -3.40 1.56 -19.43
N LEU A 83 -3.40 2.71 -20.06
CA LEU A 83 -4.06 2.91 -21.31
C LEU A 83 -3.12 2.83 -22.49
N GLU A 84 -1.88 3.23 -22.28
N GLU A 84 -1.91 3.36 -22.33
CA GLU A 84 -0.92 3.30 -23.33
CA GLU A 84 -0.96 3.55 -23.41
C GLU A 84 0.44 3.68 -22.77
C GLU A 84 0.44 3.71 -22.79
N TRP A 85 1.49 3.44 -23.55
CA TRP A 85 2.83 3.92 -23.21
C TRP A 85 3.60 4.31 -24.43
N PHE A 86 4.55 5.24 -24.25
CA PHE A 86 5.32 5.69 -25.40
C PHE A 86 6.66 6.25 -24.99
N GLU A 87 7.54 6.21 -25.95
CA GLU A 87 8.85 6.84 -25.83
C GLU A 87 8.73 8.34 -26.10
N HIS A 88 9.44 9.17 -25.32
CA HIS A 88 9.33 10.59 -25.52
C HIS A 88 10.55 11.32 -25.06
N HIS A 89 11.41 11.65 -26.03
CA HIS A 89 12.58 12.50 -25.78
C HIS A 89 13.35 12.28 -24.49
N GLY A 90 13.84 11.06 -24.33
CA GLY A 90 14.66 10.69 -23.19
C GLY A 90 13.84 10.31 -21.97
N HIS A 91 12.53 10.12 -22.15
CA HIS A 91 11.60 9.68 -21.09
C HIS A 91 10.74 8.54 -21.57
N ILE A 92 10.23 7.78 -20.61
CA ILE A 92 9.24 6.81 -20.87
C ILE A 92 7.92 7.38 -20.28
N CYS A 93 6.92 7.49 -21.13
CA CYS A 93 5.63 8.03 -20.67
C CYS A 93 4.64 6.90 -20.56
N ILE A 94 4.05 6.75 -19.39
CA ILE A 94 3.06 5.73 -19.19
C ILE A 94 1.73 6.40 -18.88
N VAL A 95 0.72 6.14 -19.70
CA VAL A 95 -0.58 6.79 -19.61
C VAL A 95 -1.56 5.89 -18.89
N PHE A 96 -2.20 6.40 -17.86
CA PHE A 96 -3.17 5.67 -17.05
C PHE A 96 -4.51 6.38 -17.04
N GLU A 97 -5.55 5.68 -16.68
CA GLU A 97 -6.79 6.29 -16.22
C GLU A 97 -6.45 7.32 -15.16
N LEU A 98 -7.15 8.43 -15.16
CA LEU A 98 -6.95 9.43 -14.11
C LEU A 98 -7.65 8.99 -12.84
N LEU A 99 -6.93 9.06 -11.72
CA LEU A 99 -7.46 8.76 -10.40
C LEU A 99 -7.29 9.99 -9.54
N GLY A 100 -7.85 9.89 -8.32
CA GLY A 100 -7.76 10.94 -7.34
C GLY A 100 -6.56 10.80 -6.43
N LEU A 101 -6.65 11.45 -5.28
CA LEU A 101 -5.55 11.41 -4.34
C LEU A 101 -5.36 10.02 -3.74
N SER A 102 -4.13 9.76 -3.27
CA SER A 102 -3.88 8.50 -2.57
C SER A 102 -4.56 8.46 -1.22
N THR A 103 -4.70 7.26 -0.68
CA THR A 103 -5.26 7.13 0.64
C THR A 103 -4.35 7.81 1.65
N TYR A 104 -3.04 7.77 1.44
CA TYR A 104 -2.08 8.52 2.26
CA TYR A 104 -2.15 8.50 2.31
C TYR A 104 -2.36 10.00 2.23
N ASP A 105 -2.44 10.52 1.00
CA ASP A 105 -2.67 11.97 0.66
CA ASP A 105 -2.59 11.96 0.92
C ASP A 105 -3.92 12.44 1.43
N PHE A 106 -4.96 11.61 1.37
CA PHE A 106 -6.25 11.98 1.99
C PHE A 106 -6.09 12.12 3.48
N ILE A 107 -5.49 11.10 4.12
CA ILE A 107 -5.31 11.11 5.58
C ILE A 107 -4.44 12.34 5.92
N LYS A 108 -3.36 12.54 5.18
CA LYS A 108 -2.43 13.66 5.44
CA LYS A 108 -2.45 13.65 5.46
C LYS A 108 -3.17 15.02 5.33
N GLU A 109 -3.92 15.21 4.26
CA GLU A 109 -4.66 16.48 4.07
C GLU A 109 -5.73 16.72 5.09
N ASN A 110 -6.18 15.65 5.77
CA ASN A 110 -7.11 15.73 6.86
C ASN A 110 -6.42 15.64 8.25
N GLY A 111 -5.15 16.03 8.35
CA GLY A 111 -4.47 16.12 9.62
C GLY A 111 -4.29 14.82 10.32
N PHE A 112 -4.20 13.78 9.52
CA PHE A 112 -3.91 12.40 10.00
C PHE A 112 -4.99 11.83 10.86
N LEU A 113 -6.19 12.32 10.65
CA LEU A 113 -7.37 11.65 11.19
C LEU A 113 -7.59 10.35 10.46
N PRO A 114 -8.04 9.32 11.19
CA PRO A 114 -8.26 8.04 10.52
C PRO A 114 -9.53 7.97 9.71
N PHE A 115 -9.61 6.96 8.86
CA PHE A 115 -10.83 6.66 8.15
C PHE A 115 -11.93 6.06 9.06
N ARG A 116 -13.17 6.34 8.70
CA ARG A 116 -14.33 5.66 9.32
C ARG A 116 -14.38 4.19 9.00
N LEU A 117 -14.84 3.39 9.97
CA LEU A 117 -14.83 1.94 9.80
C LEU A 117 -15.58 1.46 8.57
N ASP A 118 -16.73 2.06 8.25
CA ASP A 118 -17.47 1.68 7.04
C ASP A 118 -16.69 1.87 5.76
N HIS A 119 -15.89 2.92 5.71
CA HIS A 119 -15.05 3.13 4.54
C HIS A 119 -13.87 2.18 4.54
N ILE A 120 -13.28 1.92 5.71
CA ILE A 120 -12.19 0.91 5.82
C ILE A 120 -12.68 -0.42 5.30
N ARG A 121 -13.89 -0.84 5.68
CA ARG A 121 -14.41 -2.12 5.20
C ARG A 121 -14.45 -2.22 3.66
N LYS A 122 -15.00 -1.19 3.03
CA LYS A 122 -15.07 -1.15 1.58
C LYS A 122 -13.69 -1.11 0.90
N MET A 123 -12.81 -0.28 1.43
CA MET A 123 -11.46 -0.14 0.88
CA MET A 123 -11.45 -0.15 0.89
C MET A 123 -10.65 -1.43 1.07
N ALA A 124 -10.75 -2.02 2.27
CA ALA A 124 -10.10 -3.30 2.53
C ALA A 124 -10.54 -4.37 1.59
N TYR A 125 -11.85 -4.47 1.33
CA TYR A 125 -12.34 -5.51 0.43
C TYR A 125 -11.74 -5.31 -0.98
N GLN A 126 -11.74 -4.06 -1.41
CA GLN A 126 -11.25 -3.74 -2.78
C GLN A 126 -9.77 -4.00 -2.93
N ILE A 127 -9.00 -3.66 -1.89
CA ILE A 127 -7.56 -3.96 -1.89
C ILE A 127 -7.32 -5.45 -1.95
N CYS A 128 -8.03 -6.22 -1.10
CA CYS A 128 -7.91 -7.67 -1.09
C CYS A 128 -8.30 -8.27 -2.42
N LYS A 129 -9.39 -7.74 -3.02
CA LYS A 129 -9.85 -8.27 -4.31
C LYS A 129 -8.78 -8.02 -5.40
N SER A 130 -8.20 -6.84 -5.40
CA SER A 130 -7.20 -6.47 -6.40
C SER A 130 -5.96 -7.31 -6.24
N VAL A 131 -5.47 -7.41 -5.00
CA VAL A 131 -4.19 -8.10 -4.80
C VAL A 131 -4.38 -9.63 -4.96
N ASN A 132 -5.56 -10.14 -4.61
CA ASN A 132 -5.87 -11.57 -4.84
C ASN A 132 -5.85 -11.89 -6.33
N PHE A 133 -6.34 -10.95 -7.13
CA PHE A 133 -6.24 -11.06 -8.59
C PHE A 133 -4.79 -11.22 -9.03
N LEU A 134 -3.90 -10.39 -8.50
CA LEU A 134 -2.49 -10.57 -8.79
C LEU A 134 -1.98 -11.92 -8.31
N HIS A 135 -2.40 -12.34 -7.12
CA HIS A 135 -1.93 -13.61 -6.56
C HIS A 135 -2.41 -14.82 -7.41
N SER A 136 -3.57 -14.69 -8.03
CA SER A 136 -4.15 -15.69 -8.91
C SER A 136 -3.41 -15.77 -10.24
N ASN A 137 -2.62 -14.75 -10.53
CA ASN A 137 -1.88 -14.65 -11.76
C ASN A 137 -0.37 -14.72 -11.60
N LYS A 138 0.06 -15.43 -10.56
CA LYS A 138 1.48 -15.69 -10.27
C LYS A 138 2.29 -14.44 -10.07
N LEU A 139 1.68 -13.42 -9.46
CA LEU A 139 2.34 -12.15 -9.19
C LEU A 139 2.25 -11.82 -7.70
N THR A 140 3.26 -11.11 -7.21
CA THR A 140 3.30 -10.49 -5.88
C THR A 140 3.62 -9.00 -6.13
N HIS A 141 2.88 -8.10 -5.52
CA HIS A 141 3.06 -6.66 -5.72
C HIS A 141 4.36 -6.17 -5.14
N THR A 142 4.55 -6.54 -3.87
CA THR A 142 5.75 -6.29 -3.06
C THR A 142 5.85 -4.89 -2.45
N ASP A 143 5.05 -3.92 -2.91
CA ASP A 143 5.21 -2.54 -2.39
C ASP A 143 3.86 -1.95 -2.11
N LEU A 144 3.03 -2.70 -1.41
CA LEU A 144 1.74 -2.19 -0.99
C LEU A 144 1.93 -1.25 0.20
N LYS A 145 1.30 -0.06 0.12
CA LYS A 145 1.35 0.92 1.18
C LYS A 145 0.24 1.95 0.83
N PRO A 146 -0.13 2.82 1.79
CA PRO A 146 -1.26 3.74 1.51
C PRO A 146 -1.02 4.67 0.32
N GLU A 147 0.23 5.01 0.05
CA GLU A 147 0.59 5.89 -1.05
C GLU A 147 0.27 5.23 -2.40
N ASN A 148 0.24 3.89 -2.40
CA ASN A 148 -0.01 3.14 -3.63
C ASN A 148 -1.44 2.63 -3.79
N ILE A 149 -2.32 3.15 -2.95
CA ILE A 149 -3.75 2.89 -3.05
C ILE A 149 -4.38 4.25 -3.33
N LEU A 150 -5.00 4.43 -4.50
CA LEU A 150 -5.54 5.73 -4.89
C LEU A 150 -7.09 5.68 -4.94
N PHE A 151 -7.70 6.74 -4.46
CA PHE A 151 -9.12 6.88 -4.66
C PHE A 151 -9.45 7.15 -6.12
N VAL A 152 -10.51 6.52 -6.58
CA VAL A 152 -10.98 6.74 -7.97
C VAL A 152 -11.41 8.19 -8.18
N GLN A 153 -12.10 8.75 -7.21
CA GLN A 153 -12.51 10.14 -7.28
C GLN A 153 -12.24 10.86 -6.00
N SER A 154 -11.82 12.11 -6.12
CA SER A 154 -11.54 12.95 -4.97
C SER A 154 -12.76 13.83 -4.57
N ASP A 155 -13.84 13.81 -5.36
CA ASP A 155 -15.05 14.62 -5.02
C ASP A 155 -15.50 14.35 -3.58
N TYR A 156 -16.00 15.39 -2.90
CA TYR A 156 -16.11 15.30 -1.45
C TYR A 156 -17.17 16.25 -0.91
N THR A 157 -17.77 15.88 0.22
CA THR A 157 -18.67 16.78 0.93
C THR A 157 -17.92 17.33 2.14
N GLU A 158 -18.41 18.44 2.65
CA GLU A 158 -17.68 19.18 3.62
C GLU A 158 -18.65 19.56 4.70
N ALA A 159 -18.34 19.19 5.93
CA ALA A 159 -19.07 19.66 7.10
C ALA A 159 -18.04 20.39 7.96
N TYR A 160 -18.50 21.32 8.77
CA TYR A 160 -17.62 21.90 9.76
C TYR A 160 -17.60 20.89 10.83
N ASN A 161 -16.43 20.62 11.40
CA ASN A 161 -16.31 19.66 12.47
C ASN A 161 -15.93 20.45 13.70
N PRO A 162 -16.87 20.58 14.68
CA PRO A 162 -16.61 21.38 15.89
C PRO A 162 -15.54 20.82 16.82
N LYS A 163 -15.21 19.53 16.69
CA LYS A 163 -14.23 18.89 17.58
C LYS A 163 -12.75 19.23 17.22
N ILE A 164 -12.52 19.57 15.98
CA ILE A 164 -11.19 19.99 15.52
C ILE A 164 -11.23 21.45 15.05
N LYS A 165 -12.41 22.10 15.15
CA LYS A 165 -12.57 23.49 14.85
C LYS A 165 -12.14 23.83 13.45
N ARG A 166 -12.60 23.00 12.48
CA ARG A 166 -12.43 23.32 11.08
C ARG A 166 -13.36 22.47 10.21
N ASP A 167 -13.48 22.86 8.94
CA ASP A 167 -14.18 22.08 7.91
C ASP A 167 -13.43 20.79 7.68
N GLU A 168 -14.17 19.73 7.44
CA GLU A 168 -13.58 18.47 7.16
C GLU A 168 -14.27 17.84 5.96
N ARG A 169 -13.49 17.22 5.06
CA ARG A 169 -14.00 16.65 3.81
C ARG A 169 -14.30 15.18 4.00
N THR A 170 -15.37 14.68 3.37
CA THR A 170 -15.67 13.22 3.43
C THR A 170 -15.85 12.85 2.03
N LEU A 171 -15.20 11.74 1.59
CA LEU A 171 -15.34 11.44 0.19
C LEU A 171 -16.76 10.97 -0.12
N ILE A 172 -17.21 11.32 -1.29
CA ILE A 172 -18.48 10.85 -1.81
C ILE A 172 -18.43 9.34 -2.13
N ASN A 173 -17.27 8.83 -2.55
CA ASN A 173 -17.14 7.48 -3.01
C ASN A 173 -15.78 6.99 -2.58
N PRO A 174 -15.70 5.92 -1.73
CA PRO A 174 -14.39 5.51 -1.27
C PRO A 174 -13.81 4.44 -2.16
N ASP A 175 -14.26 4.29 -3.42
CA ASP A 175 -13.66 3.29 -4.29
C ASP A 175 -12.18 3.61 -4.57
N ILE A 176 -11.40 2.55 -4.63
CA ILE A 176 -9.95 2.65 -4.86
C ILE A 176 -9.49 1.85 -6.06
N LYS A 177 -8.27 2.17 -6.51
CA LYS A 177 -7.44 1.29 -7.31
C LYS A 177 -6.06 1.11 -6.66
N VAL A 178 -5.48 -0.07 -6.86
CA VAL A 178 -4.08 -0.31 -6.51
C VAL A 178 -3.20 0.09 -7.67
N VAL A 179 -2.13 0.84 -7.37
CA VAL A 179 -1.23 1.37 -8.38
C VAL A 179 0.24 0.94 -8.11
N ASP A 180 1.10 1.39 -9.00
CA ASP A 180 2.53 1.22 -8.93
C ASP A 180 2.95 -0.28 -8.96
N PHE A 181 3.00 -0.79 -10.17
CA PHE A 181 3.38 -2.18 -10.44
C PHE A 181 4.83 -2.33 -10.89
N GLY A 182 5.65 -1.34 -10.60
CA GLY A 182 7.06 -1.30 -10.93
C GLY A 182 7.94 -2.25 -10.14
N SER A 183 7.43 -2.78 -9.02
CA SER A 183 8.15 -3.76 -8.24
C SER A 183 7.57 -5.17 -8.32
N ALA A 184 6.42 -5.30 -8.96
CA ALA A 184 5.72 -6.55 -8.99
C ALA A 184 6.58 -7.62 -9.64
N THR A 185 6.53 -8.83 -9.05
CA THR A 185 7.41 -9.92 -9.36
C THR A 185 6.63 -11.18 -9.62
N TYR A 186 6.90 -11.84 -10.76
CA TYR A 186 6.28 -13.15 -11.07
C TYR A 186 6.95 -14.28 -10.29
N ASP A 187 6.20 -15.37 -10.10
CA ASP A 187 6.68 -16.48 -9.27
C ASP A 187 8.02 -16.99 -9.80
N ASP A 188 8.13 -17.06 -11.11
CA ASP A 188 9.26 -17.67 -11.83
CA ASP A 188 9.27 -17.71 -11.75
C ASP A 188 10.37 -16.68 -12.15
N GLU A 189 10.29 -15.47 -11.60
CA GLU A 189 11.30 -14.42 -11.83
C GLU A 189 12.22 -14.24 -10.67
N HIS A 190 13.32 -13.54 -10.90
CA HIS A 190 14.23 -13.19 -9.85
C HIS A 190 13.57 -12.44 -8.73
N HIS A 191 13.73 -12.92 -7.50
CA HIS A 191 13.23 -12.22 -6.30
C HIS A 191 14.34 -11.43 -5.65
N SER A 192 14.21 -10.11 -5.64
CA SER A 192 15.16 -9.28 -4.89
C SER A 192 15.14 -9.66 -3.44
N THR A 193 16.29 -9.55 -2.80
CA THR A 193 16.39 -9.88 -1.39
C THR A 193 15.60 -8.93 -0.55
N LEU A 194 15.69 -7.66 -0.86
CA LEU A 194 14.98 -6.66 -0.12
C LEU A 194 13.83 -6.18 -0.96
N VAL A 195 12.62 -6.25 -0.42
CA VAL A 195 11.46 -5.68 -1.07
C VAL A 195 10.62 -5.00 -0.04
N SER A 196 9.64 -4.21 -0.53
CA SER A 196 8.68 -3.43 0.24
C SER A 196 9.28 -2.15 0.82
N THR A 197 8.41 -1.18 1.04
CA THR A 197 8.79 0.04 1.78
C THR A 197 8.90 -0.43 3.26
N ARG A 198 9.91 0.10 3.92
CA ARG A 198 10.32 -0.43 5.23
C ARG A 198 9.14 -0.66 6.18
N HIS A 199 8.24 0.30 6.31
CA HIS A 199 7.20 0.20 7.34
C HIS A 199 6.19 -0.93 7.10
N TYR A 200 6.12 -1.40 5.86
CA TYR A 200 5.13 -2.36 5.41
C TYR A 200 5.79 -3.69 5.10
N ARG A 201 7.06 -3.84 5.47
CA ARG A 201 7.84 -5.00 5.08
C ARG A 201 7.59 -6.18 6.02
N ALA A 202 7.36 -7.35 5.46
CA ALA A 202 7.08 -8.55 6.22
C ALA A 202 8.31 -9.09 6.96
N PRO A 203 8.09 -9.80 8.08
CA PRO A 203 9.21 -10.34 8.83
C PRO A 203 10.09 -11.32 8.03
N GLU A 204 9.49 -12.14 7.18
CA GLU A 204 10.30 -13.05 6.35
C GLU A 204 11.23 -12.31 5.38
N VAL A 205 10.87 -11.07 5.03
CA VAL A 205 11.73 -10.24 4.21
C VAL A 205 12.87 -9.70 5.05
N ILE A 206 12.53 -9.14 6.21
CA ILE A 206 13.56 -8.61 7.12
C ILE A 206 14.60 -9.68 7.44
N LEU A 207 14.12 -10.89 7.71
CA LEU A 207 14.97 -12.01 8.12
C LEU A 207 15.58 -12.78 6.96
N ALA A 208 15.29 -12.34 5.74
CA ALA A 208 15.86 -12.96 4.52
C ALA A 208 15.59 -14.44 4.50
N LEU A 209 14.35 -14.81 4.74
CA LEU A 209 13.87 -16.18 4.76
C LEU A 209 13.24 -16.68 3.46
N GLY A 210 13.14 -15.80 2.50
CA GLY A 210 12.39 -16.01 1.29
C GLY A 210 11.03 -15.39 1.40
N TRP A 211 10.53 -14.87 0.27
CA TRP A 211 9.18 -14.29 0.26
C TRP A 211 8.44 -14.66 -0.99
N SER A 212 7.13 -14.55 -0.91
CA SER A 212 6.23 -14.72 -2.07
C SER A 212 4.94 -13.99 -1.79
N GLN A 213 3.80 -14.46 -2.28
CA GLN A 213 2.52 -13.74 -2.08
C GLN A 213 2.23 -13.34 -0.65
N PRO A 214 2.56 -14.17 0.38
CA PRO A 214 2.17 -13.76 1.71
C PRO A 214 2.75 -12.41 2.16
N CYS A 215 3.88 -11.99 1.62
CA CYS A 215 4.42 -10.71 2.08
C CYS A 215 3.50 -9.55 1.76
N ASP A 216 2.73 -9.66 0.67
CA ASP A 216 1.68 -8.67 0.36
C ASP A 216 0.60 -8.64 1.44
N VAL A 217 0.23 -9.80 1.98
CA VAL A 217 -0.83 -9.83 2.99
C VAL A 217 -0.38 -9.13 4.26
N TRP A 218 0.88 -9.33 4.63
CA TRP A 218 1.45 -8.58 5.75
C TRP A 218 1.34 -7.07 5.50
N SER A 219 1.75 -6.62 4.31
CA SER A 219 1.66 -5.19 3.99
C SER A 219 0.24 -4.68 4.12
N ILE A 220 -0.74 -5.44 3.66
CA ILE A 220 -2.13 -5.04 3.76
C ILE A 220 -2.54 -4.92 5.22
N GLY A 221 -2.11 -5.83 6.08
CA GLY A 221 -2.41 -5.74 7.49
C GLY A 221 -1.93 -4.41 8.05
N CYS A 222 -0.70 -4.06 7.67
CA CYS A 222 -0.08 -2.78 8.05
C CYS A 222 -0.89 -1.56 7.55
N ILE A 223 -1.39 -1.65 6.34
CA ILE A 223 -2.20 -0.61 5.76
C ILE A 223 -3.48 -0.45 6.55
N LEU A 224 -4.15 -1.55 6.84
CA LEU A 224 -5.45 -1.45 7.47
C LEU A 224 -5.39 -0.87 8.86
N ILE A 225 -4.37 -1.25 9.66
CA ILE A 225 -4.26 -0.67 10.98
C ILE A 225 -3.92 0.83 10.89
N GLU A 226 -3.12 1.24 9.91
CA GLU A 226 -2.85 2.63 9.64
C GLU A 226 -4.11 3.41 9.22
N TYR A 227 -5.01 2.81 8.43
CA TYR A 227 -6.27 3.45 8.11
C TYR A 227 -7.11 3.68 9.36
N TYR A 228 -7.07 2.73 10.28
CA TYR A 228 -7.87 2.78 11.51
C TYR A 228 -7.33 3.76 12.54
N LEU A 229 -6.00 3.92 12.60
CA LEU A 229 -5.36 4.81 13.55
C LEU A 229 -4.98 6.16 13.01
N GLY A 230 -4.66 6.21 11.71
CA GLY A 230 -4.15 7.43 11.03
C GLY A 230 -2.66 7.56 11.03
N PHE A 231 -1.94 6.71 11.75
CA PHE A 231 -0.47 6.81 11.82
C PHE A 231 0.13 5.43 11.48
N THR A 232 1.36 5.47 10.97
CA THR A 232 2.12 4.28 10.60
C THR A 232 2.53 3.54 11.88
N VAL A 233 2.25 2.24 11.99
CA VAL A 233 2.48 1.52 13.27
C VAL A 233 3.91 1.12 13.50
N PHE A 234 4.71 1.01 12.43
CA PHE A 234 6.14 0.70 12.58
C PHE A 234 7.04 1.83 12.09
N PRO A 235 7.10 2.93 12.84
CA PRO A 235 7.88 4.12 12.38
C PRO A 235 9.37 4.02 12.75
N THR A 236 10.11 3.27 11.96
CA THR A 236 11.54 3.15 12.16
C THR A 236 12.29 2.82 10.89
N HIS A 237 13.59 3.18 10.83
CA HIS A 237 14.49 2.73 9.75
CA HIS A 237 14.50 2.74 9.76
C HIS A 237 15.45 1.67 10.24
N ASP A 238 15.32 1.23 11.49
CA ASP A 238 16.27 0.27 12.03
C ASP A 238 15.60 -1.12 12.11
N SER A 239 16.22 -2.13 11.50
CA SER A 239 15.58 -3.45 11.42
C SER A 239 15.37 -4.09 12.76
N LYS A 240 16.34 -3.98 13.66
CA LYS A 240 16.21 -4.57 14.98
C LYS A 240 15.06 -3.91 15.77
N GLU A 241 14.99 -2.57 15.71
CA GLU A 241 13.90 -1.83 16.33
C GLU A 241 12.57 -2.19 15.72
N HIS A 242 12.56 -2.37 14.40
CA HIS A 242 11.28 -2.79 13.72
C HIS A 242 10.79 -4.13 14.29
N LEU A 243 11.72 -5.07 14.45
CA LEU A 243 11.36 -6.36 15.02
C LEU A 243 10.90 -6.22 16.45
N ALA A 244 11.54 -5.32 17.22
CA ALA A 244 11.09 -5.03 18.58
C ALA A 244 9.68 -4.46 18.62
N MET A 245 9.40 -3.58 17.65
CA MET A 245 8.03 -3.02 17.52
C MET A 245 7.02 -4.14 17.19
N MET A 246 7.40 -5.05 16.29
CA MET A 246 6.57 -6.19 15.98
C MET A 246 6.27 -7.00 17.24
N GLU A 247 7.31 -7.24 18.03
CA GLU A 247 7.12 -8.06 19.23
C GLU A 247 6.24 -7.36 20.26
N ARG A 248 6.36 -6.05 20.36
CA ARG A 248 5.47 -5.29 21.23
C ARG A 248 4.01 -5.43 20.80
N ILE A 249 3.74 -5.31 19.51
CA ILE A 249 2.37 -5.35 19.02
C ILE A 249 1.79 -6.77 18.95
N LEU A 250 2.63 -7.75 18.55
CA LEU A 250 2.19 -9.07 18.15
C LEU A 250 2.71 -10.22 18.99
N GLY A 251 3.62 -9.95 19.93
CA GLY A 251 4.21 -11.04 20.71
C GLY A 251 5.47 -11.53 20.04
N PRO A 252 6.08 -12.52 20.67
CA PRO A 252 7.37 -12.99 20.18
C PRO A 252 7.37 -13.60 18.78
N LEU A 253 8.45 -13.36 18.04
CA LEU A 253 8.66 -14.06 16.78
C LEU A 253 8.69 -15.58 16.98
N PRO A 254 8.21 -16.34 15.99
CA PRO A 254 8.28 -17.80 16.05
C PRO A 254 9.75 -18.22 16.15
N LYS A 255 10.02 -19.15 17.07
CA LYS A 255 11.40 -19.57 17.25
C LYS A 255 12.06 -20.10 15.99
N HIS A 256 11.34 -20.83 15.14
CA HIS A 256 11.96 -21.37 13.95
C HIS A 256 12.48 -20.30 13.02
N MET A 257 11.79 -19.17 12.96
CA MET A 257 12.19 -18.08 12.09
C MET A 257 13.49 -17.45 12.60
N ILE A 258 13.59 -17.30 13.93
CA ILE A 258 14.80 -16.75 14.54
C ILE A 258 15.95 -17.73 14.37
N GLN A 259 15.67 -19.03 14.52
CA GLN A 259 16.76 -20.04 14.37
C GLN A 259 17.29 -20.14 12.96
N LYS A 260 16.42 -20.01 11.97
CA LYS A 260 16.83 -20.20 10.58
C LYS A 260 17.46 -19.00 9.96
N THR A 261 17.12 -17.80 10.42
CA THR A 261 17.68 -16.62 9.76
C THR A 261 19.18 -16.58 9.86
N ARG A 262 19.77 -16.03 8.80
CA ARG A 262 21.20 -15.67 8.83
C ARG A 262 21.46 -14.32 9.43
N LYS A 263 20.41 -13.57 9.75
CA LYS A 263 20.58 -12.26 10.34
C LYS A 263 20.87 -12.35 11.84
N ARG A 264 22.00 -12.95 12.20
CA ARG A 264 22.28 -13.27 13.58
C ARG A 264 22.47 -12.06 14.45
N LYS A 265 22.89 -10.97 13.85
CA LYS A 265 23.19 -9.74 14.57
C LYS A 265 21.95 -9.22 15.33
N TYR A 266 20.75 -9.65 14.93
CA TYR A 266 19.54 -9.16 15.66
C TYR A 266 19.24 -9.93 16.93
N PHE A 267 19.93 -11.06 17.15
CA PHE A 267 19.48 -12.00 18.18
C PHE A 267 20.58 -12.41 19.12
N HIS A 268 20.19 -12.79 20.31
CA HIS A 268 21.12 -13.34 21.29
C HIS A 268 20.41 -14.48 21.96
N HIS A 269 20.99 -15.70 21.92
CA HIS A 269 20.35 -16.88 22.48
C HIS A 269 18.93 -17.06 21.93
N ASP A 270 18.80 -16.85 20.62
CA ASP A 270 17.55 -17.05 19.87
C ASP A 270 16.37 -16.22 20.42
N ARG A 271 16.69 -15.06 20.98
CA ARG A 271 15.70 -14.05 21.35
C ARG A 271 16.19 -12.74 20.75
N LEU A 272 15.30 -11.82 20.42
CA LEU A 272 15.75 -10.52 19.99
C LEU A 272 16.71 -9.89 20.99
N ASP A 273 17.79 -9.36 20.49
CA ASP A 273 18.86 -8.74 21.32
C ASP A 273 18.49 -7.26 21.61
N TRP A 274 17.56 -7.09 22.51
CA TRP A 274 16.82 -5.86 22.67
C TRP A 274 16.58 -5.61 24.15
N ASP A 275 17.01 -4.47 24.66
CA ASP A 275 16.78 -4.11 26.04
C ASP A 275 15.53 -3.27 26.08
N GLU A 276 14.44 -3.85 26.59
CA GLU A 276 13.20 -3.12 26.70
C GLU A 276 13.21 -1.87 27.57
N HIS A 277 14.24 -1.69 28.40
CA HIS A 277 14.33 -0.58 29.33
CA HIS A 277 14.33 -0.56 29.32
C HIS A 277 15.41 0.46 28.96
N SER A 278 16.08 0.23 27.83
CA SER A 278 16.97 1.25 27.25
C SER A 278 16.15 2.45 26.76
N SER A 279 16.81 3.52 26.33
CA SER A 279 16.05 4.64 25.77
CA SER A 279 16.05 4.65 25.79
C SER A 279 15.22 4.21 24.59
N ALA A 280 15.81 3.40 23.69
CA ALA A 280 15.07 2.90 22.56
C ALA A 280 13.93 1.95 22.96
N GLY A 281 14.18 1.11 23.95
CA GLY A 281 13.15 0.20 24.44
C GLY A 281 12.00 0.94 25.05
N ARG A 282 12.29 1.99 25.83
CA ARG A 282 11.23 2.80 26.41
C ARG A 282 10.41 3.47 25.29
N TYR A 283 11.08 3.98 24.25
CA TYR A 283 10.38 4.57 23.13
C TYR A 283 9.42 3.54 22.50
N VAL A 284 9.95 2.35 22.18
CA VAL A 284 9.11 1.32 21.53
C VAL A 284 7.92 1.00 22.40
N SER A 285 8.12 0.92 23.70
CA SER A 285 7.01 0.63 24.63
C SER A 285 5.87 1.66 24.63
N ARG A 286 6.23 2.89 24.26
CA ARG A 286 5.29 4.01 24.23
C ARG A 286 4.71 4.23 22.84
N ALA A 287 5.50 3.94 21.85
CA ALA A 287 5.08 4.11 20.42
C ALA A 287 4.13 3.01 19.95
N CYS A 288 4.26 1.80 20.54
CA CYS A 288 3.60 0.60 20.09
C CYS A 288 2.95 -0.04 21.30
N LYS A 289 1.84 -0.70 21.06
CA LYS A 289 1.19 -1.49 22.10
C LYS A 289 0.62 -2.75 21.55
N PRO A 290 0.32 -3.70 22.42
CA PRO A 290 -0.28 -4.91 21.95
C PRO A 290 -1.50 -4.62 21.10
N LEU A 291 -1.62 -5.33 20.02
CA LEU A 291 -2.55 -5.04 18.97
C LEU A 291 -3.96 -4.67 19.44
N LYS A 292 -4.57 -5.50 20.30
CA LYS A 292 -5.96 -5.21 20.71
C LYS A 292 -6.12 -3.92 21.49
N GLU A 293 -5.04 -3.42 22.11
CA GLU A 293 -5.11 -2.16 22.83
CA GLU A 293 -5.07 -2.15 22.85
C GLU A 293 -5.30 -0.95 21.90
N PHE A 294 -5.11 -1.15 20.62
CA PHE A 294 -5.30 -0.06 19.63
C PHE A 294 -6.79 0.11 19.29
N MET A 295 -7.64 -0.83 19.68
CA MET A 295 -9.04 -0.77 19.35
C MET A 295 -9.67 0.44 20.01
N LEU A 296 -10.49 1.13 19.23
CA LEU A 296 -11.15 2.38 19.62
C LEU A 296 -12.55 2.11 20.07
N SER A 297 -13.02 0.89 19.87
CA SER A 297 -14.32 0.44 20.34
C SER A 297 -14.28 -1.06 20.51
N GLN A 298 -15.15 -1.60 21.36
CA GLN A 298 -15.34 -3.03 21.45
C GLN A 298 -16.58 -3.56 20.70
N ASP A 299 -17.22 -2.72 19.88
CA ASP A 299 -18.29 -3.16 18.95
CA ASP A 299 -18.29 -3.19 19.00
C ASP A 299 -17.83 -4.39 18.17
N VAL A 300 -18.77 -5.26 17.83
CA VAL A 300 -18.49 -6.48 17.05
CA VAL A 300 -18.44 -6.47 17.09
C VAL A 300 -17.72 -6.22 15.76
N GLU A 301 -18.08 -5.15 15.05
CA GLU A 301 -17.42 -4.91 13.76
C GLU A 301 -15.96 -4.51 13.95
N HIS A 302 -15.65 -3.83 15.04
CA HIS A 302 -14.25 -3.49 15.37
C HIS A 302 -13.50 -4.76 15.74
N GLU A 303 -14.13 -5.66 16.51
CA GLU A 303 -13.54 -6.97 16.84
CA GLU A 303 -13.49 -6.91 16.85
C GLU A 303 -13.24 -7.73 15.56
N ARG A 304 -14.18 -7.69 14.60
CA ARG A 304 -14.00 -8.39 13.34
CA ARG A 304 -14.00 -8.39 13.34
C ARG A 304 -12.84 -7.84 12.51
N LEU A 305 -12.77 -6.55 12.42
CA LEU A 305 -11.60 -5.95 11.73
C LEU A 305 -10.32 -6.42 12.38
N PHE A 306 -10.24 -6.31 13.69
CA PHE A 306 -8.98 -6.65 14.38
C PHE A 306 -8.63 -8.14 14.27
N ASP A 307 -9.63 -9.01 14.22
CA ASP A 307 -9.41 -10.42 13.94
C ASP A 307 -8.73 -10.60 12.58
N LEU A 308 -9.25 -9.93 11.56
CA LEU A 308 -8.65 -10.00 10.25
C LEU A 308 -7.25 -9.43 10.23
N ILE A 309 -7.07 -8.24 10.82
CA ILE A 309 -5.70 -7.67 10.93
C ILE A 309 -4.73 -8.67 11.62
N GLN A 310 -5.15 -9.26 12.71
CA GLN A 310 -4.27 -10.20 13.39
C GLN A 310 -3.88 -11.37 12.50
N LYS A 311 -4.83 -11.86 11.70
CA LYS A 311 -4.59 -12.96 10.78
C LYS A 311 -3.62 -12.55 9.65
N MET A 312 -3.75 -11.31 9.20
CA MET A 312 -2.83 -10.80 8.23
C MET A 312 -1.43 -10.57 8.76
N LEU A 313 -1.32 -10.22 10.04
CA LEU A 313 -0.03 -9.99 10.70
C LEU A 313 0.48 -11.25 11.43
N GLU A 314 0.09 -12.41 10.94
CA GLU A 314 0.70 -13.68 11.40
C GLU A 314 2.16 -13.65 10.94
N TYR A 315 3.09 -13.98 11.84
CA TYR A 315 4.49 -13.95 11.55
C TYR A 315 4.93 -14.93 10.48
N ASP A 316 4.41 -16.14 10.59
CA ASP A 316 4.82 -17.23 9.72
C ASP A 316 4.05 -17.16 8.41
N PRO A 317 4.75 -16.85 7.29
CA PRO A 317 4.05 -16.68 6.03
C PRO A 317 3.37 -17.90 5.54
N ALA A 318 3.77 -19.08 6.02
CA ALA A 318 3.06 -20.31 5.65
C ALA A 318 1.72 -20.45 6.36
N LYS A 319 1.56 -19.75 7.49
CA LYS A 319 0.33 -19.82 8.28
C LYS A 319 -0.58 -18.60 8.05
N ARG A 320 0.01 -17.55 7.47
CA ARG A 320 -0.72 -16.30 7.27
C ARG A 320 -1.96 -16.48 6.40
N ILE A 321 -3.01 -15.77 6.71
CA ILE A 321 -4.24 -15.89 5.91
C ILE A 321 -3.93 -15.53 4.47
N THR A 322 -4.58 -16.22 3.53
CA THR A 322 -4.47 -15.85 2.12
C THR A 322 -5.57 -14.84 1.81
N LEU A 323 -5.40 -14.08 0.74
CA LEU A 323 -6.44 -13.11 0.36
C LEU A 323 -7.71 -13.78 -0.10
N ARG A 324 -7.62 -14.97 -0.70
CA ARG A 324 -8.84 -15.73 -1.03
CA ARG A 324 -8.82 -15.77 -1.02
C ARG A 324 -9.68 -16.01 0.23
N GLU A 325 -9.01 -16.38 1.32
CA GLU A 325 -9.67 -16.57 2.63
CA GLU A 325 -9.68 -16.58 2.59
C GLU A 325 -10.09 -15.23 3.19
N ALA A 326 -9.25 -14.18 3.04
CA ALA A 326 -9.59 -12.87 3.63
C ALA A 326 -10.90 -12.28 3.12
N LEU A 327 -11.17 -12.52 1.84
CA LEU A 327 -12.37 -11.99 1.19
C LEU A 327 -13.62 -12.62 1.76
N LYS A 328 -13.49 -13.76 2.43
CA LYS A 328 -14.65 -14.44 3.06
C LYS A 328 -14.76 -14.13 4.55
N HIS A 329 -13.88 -13.29 5.08
CA HIS A 329 -13.87 -13.02 6.48
C HIS A 329 -15.19 -12.30 6.90
N PRO A 330 -15.67 -12.62 8.13
CA PRO A 330 -16.91 -11.98 8.58
C PRO A 330 -16.95 -10.44 8.61
N PHE A 331 -15.82 -9.79 8.72
CA PHE A 331 -15.77 -8.35 8.59
C PHE A 331 -16.41 -7.82 7.31
N PHE A 332 -16.37 -8.61 6.25
CA PHE A 332 -16.92 -8.22 4.97
C PHE A 332 -18.40 -8.59 4.77
N ASP A 333 -18.99 -9.26 5.75
CA ASP A 333 -20.39 -9.71 5.60
C ASP A 333 -21.33 -8.52 5.32
N LEU A 334 -21.05 -7.36 5.93
CA LEU A 334 -21.97 -6.25 5.84
C LEU A 334 -21.96 -5.69 4.43
N LEU A 335 -20.95 -6.04 3.61
CA LEU A 335 -20.96 -5.58 2.21
C LEU A 335 -21.86 -6.42 1.26
N LYS A 336 -22.25 -7.62 1.68
CA LYS A 336 -22.71 -8.72 0.75
C LYS A 336 -24.21 -8.93 0.74
O3 Q7K B . 2.71 12.61 -6.53
C4 Q7K B . 4.04 6.21 -8.85
C5 Q7K B . 2.94 5.91 -6.60
O4 Q7K B . 2.17 14.64 -3.01
C6 Q7K B . 3.89 8.05 -7.28
N1 Q7K B . 0.76 6.81 -10.68
C7 Q7K B . 3.26 8.61 -6.03
C8 Q7K B . 2.01 10.42 -7.04
N2 Q7K B . 3.65 6.77 -7.57
C9 Q7K B . 1.23 9.53 -7.76
C10 Q7K B . 0.24 10.02 -8.62
C11 Q7K B . 0.03 11.40 -8.72
C12 Q7K B . 0.82 12.28 -8.01
N3 Q7K B . -0.45 9.08 -9.41
C13 Q7K B . 1.81 11.80 -7.18
C14 Q7K B . 2.48 12.86 -5.14
C15 Q7K B . 1.19 13.60 -4.90
N4 Q7K B . -2.43 10.26 -9.78
C1 Q7K B . 1.21 7.10 -12.07
C2 Q7K B . 1.77 6.07 -9.92
C3 Q7K B . 3.13 6.65 -9.99
O1 Q7K B . 4.49 8.79 -8.07
O2 Q7K B . 3.01 10.04 -6.16
C16 Q7K B . 1.03 13.88 -3.43
C17 Q7K B . 3.34 13.86 -3.12
C18 Q7K B . 3.67 13.58 -4.55
C19 Q7K B . -1.68 9.17 -10.01
C20 Q7K B . -3.57 10.32 -10.48
N5 Q7K B . -4.05 9.45 -11.36
C21 Q7K B . -3.28 8.36 -11.55
N6 Q7K B . -3.53 7.30 -12.36
C22 Q7K B . -2.51 6.40 -12.20
C23 Q7K B . -1.61 6.85 -11.28
C24 Q7K B . -0.49 6.06 -10.68
C25 Q7K B . -2.08 8.14 -10.89
C1 EDO C . 3.59 17.12 -31.19
O1 EDO C . 2.73 17.18 -30.05
C2 EDO C . 2.90 17.66 -32.43
O2 EDO C . 3.24 19.01 -32.58
C1 EDO D . 0.34 7.31 -29.39
O1 EDO D . -0.87 7.45 -28.72
C2 EDO D . 1.18 8.51 -29.10
O2 EDO D . 0.38 9.68 -29.35
C1 EDO E . -5.57 -4.13 -14.90
O1 EDO E . -6.31 -2.94 -14.55
C2 EDO E . -6.53 -5.33 -14.98
O2 EDO E . -7.35 -5.61 -13.81
C1 EDO F . -9.87 12.90 -9.73
O1 EDO F . -10.88 13.11 -8.70
C2 EDO F . -10.55 12.51 -11.03
O2 EDO F . -10.82 11.12 -10.99
C1 EDO G . 10.13 -0.84 -2.38
O1 EDO G . 9.85 -0.85 -3.78
C2 EDO G . 11.07 0.30 -2.04
O2 EDO G . 10.28 1.49 -2.01
C1 EDO H . 11.86 -5.60 -17.17
O1 EDO H . 10.87 -5.56 -18.21
C2 EDO H . 12.52 -4.23 -17.11
O2 EDO H . 13.30 -4.01 -15.94
C1 EDO I . 10.78 9.43 -28.90
O1 EDO I . 11.04 10.84 -28.70
C2 EDO I . 12.04 8.56 -28.91
O2 EDO I . 13.17 9.27 -28.41
C1 EDO J . -9.39 10.22 6.71
O1 EDO J . -8.89 11.42 7.21
C2 EDO J . -10.88 10.44 6.51
O2 EDO J . -11.51 10.41 7.75
C1 EDO K . -2.83 -20.72 5.08
O1 EDO K . -3.68 -19.64 5.44
C2 EDO K . -3.53 -21.47 3.96
O2 EDO K . -2.64 -21.53 2.85
C1 EDO L . 5.23 -18.91 -5.02
O1 EDO L . 3.86 -18.60 -5.32
C2 EDO L . 5.96 -17.84 -5.76
O2 EDO L . 7.37 -17.88 -5.60
C1 EDO M . 18.64 -1.18 21.18
O1 EDO M . 20.02 -1.45 21.32
C2 EDO M . 17.95 -1.45 22.51
O2 EDO M . 18.55 -2.61 23.12
C1 EDO N . 17.20 1.73 16.93
O1 EDO N . 17.49 1.50 18.30
C2 EDO N . 17.46 3.18 16.56
O2 EDO N . 18.80 3.25 16.10
C1 EDO O . -17.09 -3.66 -2.40
O1 EDO O . -16.67 -3.24 -3.69
C2 EDO O . -16.70 -2.48 -1.55
O2 EDO O . -17.58 -1.38 -1.89
C1 EDO P . 20.63 -6.04 24.64
O1 EDO P . 20.39 -6.01 26.05
C2 EDO P . 21.44 -4.83 24.18
O2 EDO P . 21.15 -4.52 22.81
C1 EDO Q . -19.11 0.69 14.86
O1 EDO Q . -19.68 -0.48 14.19
C2 EDO Q . -18.64 1.75 13.81
O2 EDO Q . -17.52 2.61 14.19
C1 EDO R . 14.36 -1.16 7.90
C1 EDO R . 14.09 -1.03 8.57
O1 EDO R . 13.94 0.18 7.59
O1 EDO R . 15.39 -1.54 8.28
C2 EDO R . 13.41 -1.66 8.97
C2 EDO R . 13.05 -1.92 7.94
O2 EDO R . 13.14 -3.06 8.80
O2 EDO R . 12.87 -3.10 8.74
C1 GOL S . -9.50 22.43 -24.73
O1 GOL S . -8.17 22.28 -25.26
C2 GOL S . -9.43 22.76 -23.25
O2 GOL S . -10.26 23.87 -22.99
C3 GOL S . -7.96 23.02 -22.87
O3 GOL S . -7.71 23.46 -21.51
C1 GOL T . 13.73 -18.00 -11.26
O1 GOL T . 14.77 -18.84 -11.75
C2 GOL T . 13.78 -17.97 -9.73
O2 GOL T . 14.58 -16.85 -9.31
C3 GOL T . 12.35 -17.86 -9.21
O3 GOL T . 12.34 -18.15 -7.80
NA NA U . -19.62 -7.60 8.58
C1 EDO V . 9.27 -2.97 28.54
O1 EDO V . 8.09 -2.39 28.02
C2 EDO V . 8.97 -3.75 29.79
O2 EDO V . 9.24 -5.11 29.51
#